data_4I9K
#
_entry.id   4I9K
#
_cell.length_a   119.430
_cell.length_b   119.430
_cell.length_c   111.720
_cell.angle_alpha   90.000
_cell.angle_beta   90.000
_cell.angle_gamma   120.000
#
_symmetry.space_group_name_H-M   'P 63'
#
loop_
_entity.id
_entity.type
_entity.pdbx_description
1 polymer 'ATP-dependent Clp protease ATP-binding subunit ClpX'
2 non-polymer 'SULFATE ION'
#
_entity_poly.entity_id   1
_entity_poly.type   'polypeptide(L)'
_entity_poly.pdbx_seq_one_letter_code
;SALPTPHEIRNHLDDYVIGQEQAKKVLAVAVYNHYKRLRNGDTSNGVELGKSNILLIGPTGSGKTLLAETLARLLDVPFT
MADATTLTEAGYVGEDVENIIQKLLQKCDYDVQKAQRGIVYIDEIDKISRKSDNPSITRDVSGEGVQQALLKLIEGTVAA
VPPQGGRKHPQQEFLQVDTSKILFICGGAFAGLDKVISHRVETGSGIGFGATVKAKSDKASEGELLAQVEPEDLIKFGLI
PEFIGRLPVVATLNELSEEALIQILKEPKNALTKQYQALFNLEGVDLEFRDEALDAIAKKAMARKTGARGLRSIVEAALL
DTMYDLPSMEDVEKVVIDESVIDGQSEPLLIYGKPEAQQASGE
;
_entity_poly.pdbx_strand_id   A,B
#
# COMPACT_ATOMS: atom_id res chain seq x y z
N ALA A 2 7.18 -13.32 21.06
CA ALA A 2 8.44 -12.64 20.79
C ALA A 2 8.68 -12.49 19.30
N LEU A 3 8.82 -11.25 18.84
CA LEU A 3 9.04 -10.97 17.43
C LEU A 3 10.46 -11.35 16.99
N PRO A 4 10.57 -12.03 15.85
CA PRO A 4 11.86 -12.44 15.27
C PRO A 4 12.58 -11.26 14.62
N THR A 5 13.83 -11.06 15.00
CA THR A 5 14.64 -10.00 14.39
C THR A 5 14.68 -10.21 12.87
N PRO A 6 14.82 -9.12 12.12
CA PRO A 6 14.90 -9.20 10.65
C PRO A 6 15.92 -10.24 10.20
N HIS A 7 16.94 -10.47 11.02
CA HIS A 7 17.93 -11.51 10.73
C HIS A 7 17.27 -12.89 10.70
N GLU A 8 16.60 -13.24 11.80
CA GLU A 8 15.89 -14.51 11.89
C GLU A 8 14.91 -14.66 10.74
N ILE A 9 14.26 -13.56 10.37
CA ILE A 9 13.30 -13.57 9.27
C ILE A 9 13.98 -13.89 7.94
N ARG A 10 15.02 -13.15 7.60
CA ARG A 10 15.75 -13.39 6.37
C ARG A 10 16.36 -14.78 6.35
N ASN A 11 16.78 -15.25 7.52
CA ASN A 11 17.37 -16.59 7.64
C ASN A 11 16.37 -17.68 7.27
N HIS A 12 15.16 -17.58 7.81
CA HIS A 12 14.12 -18.56 7.52
C HIS A 12 13.62 -18.46 6.08
N LEU A 13 13.72 -17.27 5.50
CA LEU A 13 13.33 -17.06 4.11
C LEU A 13 14.32 -17.74 3.16
N ASP A 14 15.55 -17.91 3.62
CA ASP A 14 16.57 -18.59 2.83
C ASP A 14 16.29 -20.08 2.71
N ASP A 15 15.39 -20.57 3.56
CA ASP A 15 15.08 -22.00 3.61
C ASP A 15 13.95 -22.39 2.65
N TYR A 16 13.31 -21.40 2.04
CA TYR A 16 12.21 -21.64 1.11
C TYR A 16 12.47 -20.99 -0.25
N VAL A 17 13.07 -19.80 -0.22
CA VAL A 17 13.35 -19.06 -1.45
C VAL A 17 14.86 -18.90 -1.64
N ILE A 18 15.30 -18.96 -2.89
CA ILE A 18 16.72 -18.88 -3.21
C ILE A 18 17.05 -17.58 -3.93
N GLY A 19 18.16 -16.96 -3.53
CA GLY A 19 18.55 -15.68 -4.09
C GLY A 19 17.66 -14.57 -3.56
N GLN A 20 17.54 -13.49 -4.33
CA GLN A 20 16.68 -12.38 -3.94
C GLN A 20 17.01 -11.91 -2.52
N GLU A 21 18.28 -12.02 -2.15
CA GLU A 21 18.71 -11.69 -0.79
C GLU A 21 18.32 -10.27 -0.40
N GLN A 22 18.52 -9.32 -1.30
CA GLN A 22 18.15 -7.93 -1.05
C GLN A 22 16.67 -7.80 -0.75
N ALA A 23 15.84 -8.37 -1.63
CA ALA A 23 14.39 -8.33 -1.46
C ALA A 23 14.00 -8.95 -0.13
N LYS A 24 14.73 -9.97 0.30
CA LYS A 24 14.46 -10.64 1.56
C LYS A 24 14.87 -9.78 2.76
N LYS A 25 15.86 -8.91 2.56
CA LYS A 25 16.25 -7.96 3.58
C LYS A 25 15.17 -6.88 3.71
N VAL A 26 14.77 -6.35 2.57
CA VAL A 26 13.73 -5.32 2.52
C VAL A 26 12.44 -5.83 3.15
N LEU A 27 12.01 -7.02 2.75
CA LEU A 27 10.80 -7.63 3.28
C LEU A 27 10.94 -7.91 4.77
N ALA A 28 12.10 -8.41 5.18
CA ALA A 28 12.36 -8.71 6.58
C ALA A 28 12.19 -7.46 7.45
N VAL A 29 12.81 -6.36 7.02
CA VAL A 29 12.70 -5.10 7.74
C VAL A 29 11.27 -4.59 7.74
N ALA A 30 10.71 -4.44 6.54
CA ALA A 30 9.34 -3.96 6.40
C ALA A 30 8.37 -4.75 7.27
N VAL A 31 8.54 -6.07 7.28
CA VAL A 31 7.68 -6.94 8.08
C VAL A 31 7.90 -6.72 9.58
N TYR A 32 9.15 -6.81 10.02
CA TYR A 32 9.48 -6.63 11.42
C TYR A 32 8.91 -5.31 11.93
N ASN A 33 9.08 -4.25 11.17
CA ASN A 33 8.58 -2.93 11.55
C ASN A 33 7.06 -2.87 11.59
N HIS A 34 6.40 -3.62 10.72
CA HIS A 34 4.94 -3.64 10.68
C HIS A 34 4.35 -4.25 11.95
N TYR A 35 4.88 -5.41 12.34
CA TYR A 35 4.38 -6.11 13.53
C TYR A 35 4.99 -5.55 14.82
N LYS A 36 6.12 -4.87 14.69
CA LYS A 36 6.72 -4.18 15.83
C LYS A 36 5.90 -2.93 16.12
N ARG A 37 5.24 -2.41 15.09
CA ARG A 37 4.44 -1.21 15.20
C ARG A 37 3.04 -1.54 15.71
N LEU A 38 2.55 -2.72 15.37
CA LEU A 38 1.23 -3.17 15.81
C LEU A 38 1.24 -3.58 17.27
N ARG A 39 2.26 -4.34 17.66
CA ARG A 39 2.33 -4.86 19.02
C ARG A 39 2.53 -3.77 20.06
N ASN A 40 2.82 -2.55 19.60
CA ASN A 40 2.95 -1.42 20.50
C ASN A 40 1.85 -0.39 20.29
N GLY A 41 0.74 -0.83 19.70
CA GLY A 41 -0.40 0.02 19.46
C GLY A 41 -0.02 1.35 18.83
N ASP A 42 0.77 1.28 17.77
CA ASP A 42 1.26 2.48 17.11
C ASP A 42 1.92 3.42 18.11
N THR A 43 1.30 4.57 18.35
CA THR A 43 1.80 5.53 19.32
C THR A 43 0.68 6.08 20.19
N LEU A 49 2.67 6.40 12.73
CA LEU A 49 3.66 5.43 12.28
C LEU A 49 3.37 4.94 10.85
N GLY A 50 4.36 4.33 10.24
CA GLY A 50 4.31 4.01 8.83
C GLY A 50 3.43 2.83 8.48
N LYS A 51 2.59 2.97 7.46
CA LYS A 51 1.78 1.85 6.97
C LYS A 51 2.65 0.63 6.68
N SER A 52 3.84 0.90 6.15
CA SER A 52 4.83 -0.14 5.93
C SER A 52 4.33 -1.20 4.94
N ASN A 53 3.50 -0.77 4.00
CA ASN A 53 3.00 -1.67 2.97
C ASN A 53 4.06 -1.93 1.91
N ILE A 54 4.01 -3.12 1.31
CA ILE A 54 5.09 -3.56 0.42
C ILE A 54 4.65 -3.78 -1.02
N LEU A 55 5.54 -3.43 -1.96
CA LEU A 55 5.31 -3.63 -3.38
C LEU A 55 6.42 -4.49 -3.99
N LEU A 56 6.09 -5.73 -4.31
CA LEU A 56 7.05 -6.64 -4.92
C LEU A 56 7.11 -6.49 -6.43
N ILE A 57 8.30 -6.24 -6.95
CA ILE A 57 8.50 -6.08 -8.39
C ILE A 57 9.53 -7.06 -8.92
N GLY A 58 9.06 -8.16 -9.51
CA GLY A 58 9.94 -9.17 -10.06
C GLY A 58 9.25 -9.98 -11.14
N PRO A 59 10.04 -10.50 -12.10
CA PRO A 59 9.52 -11.31 -13.20
C PRO A 59 8.66 -12.47 -12.69
N THR A 60 7.84 -13.03 -13.56
CA THR A 60 6.97 -14.15 -13.18
C THR A 60 7.80 -15.35 -12.76
N GLY A 61 7.34 -16.07 -11.74
CA GLY A 61 8.04 -17.23 -11.24
C GLY A 61 9.36 -16.87 -10.59
N SER A 62 9.44 -15.66 -10.06
CA SER A 62 10.63 -15.20 -9.36
C SER A 62 10.57 -15.63 -7.89
N GLY A 63 9.35 -15.80 -7.39
CA GLY A 63 9.14 -16.25 -6.02
C GLY A 63 8.39 -15.25 -5.15
N LYS A 64 7.73 -14.29 -5.78
CA LYS A 64 6.97 -13.26 -5.05
C LYS A 64 5.88 -13.87 -4.17
N THR A 65 5.00 -14.67 -4.77
CA THR A 65 3.94 -15.35 -4.05
C THR A 65 4.51 -16.25 -2.97
N LEU A 66 5.55 -16.99 -3.32
CA LEU A 66 6.21 -17.88 -2.37
C LEU A 66 6.72 -17.10 -1.16
N LEU A 67 7.35 -15.97 -1.42
CA LEU A 67 7.85 -15.12 -0.34
C LEU A 67 6.73 -14.68 0.59
N ALA A 68 5.66 -14.14 0.02
CA ALA A 68 4.52 -13.69 0.81
C ALA A 68 3.98 -14.80 1.70
N GLU A 69 3.76 -15.97 1.10
CA GLU A 69 3.27 -17.13 1.85
C GLU A 69 4.26 -17.49 2.95
N THR A 70 5.54 -17.53 2.60
CA THR A 70 6.57 -17.91 3.56
C THR A 70 6.58 -16.98 4.77
N LEU A 71 6.49 -15.67 4.52
CA LEU A 71 6.42 -14.70 5.60
C LEU A 71 5.25 -15.01 6.52
N ALA A 72 4.09 -15.26 5.93
CA ALA A 72 2.88 -15.56 6.69
C ALA A 72 3.09 -16.75 7.62
N ARG A 73 3.59 -17.86 7.07
CA ARG A 73 3.84 -19.06 7.87
C ARG A 73 4.85 -18.79 8.98
N LEU A 74 5.96 -18.14 8.63
CA LEU A 74 7.03 -17.87 9.58
C LEU A 74 6.54 -17.07 10.79
N LEU A 75 5.50 -16.28 10.58
CA LEU A 75 4.94 -15.47 11.66
C LEU A 75 3.60 -16.00 12.14
N ASP A 76 3.30 -17.25 11.79
CA ASP A 76 2.03 -17.89 12.15
C ASP A 76 0.86 -16.91 12.06
N VAL A 77 0.78 -16.22 10.93
CA VAL A 77 -0.22 -15.19 10.72
C VAL A 77 -1.14 -15.50 9.54
N PRO A 78 -2.45 -15.29 9.72
CA PRO A 78 -3.48 -15.54 8.70
C PRO A 78 -3.13 -14.91 7.35
N PHE A 79 -2.99 -15.73 6.32
CA PHE A 79 -2.63 -15.26 4.99
C PHE A 79 -3.70 -15.58 3.97
N THR A 80 -3.83 -14.72 2.97
CA THR A 80 -4.77 -14.95 1.88
C THR A 80 -4.31 -14.21 0.63
N MET A 81 -4.54 -14.83 -0.52
CA MET A 81 -4.15 -14.22 -1.78
C MET A 81 -5.34 -13.55 -2.45
N ALA A 82 -5.06 -12.90 -3.56
CA ALA A 82 -6.10 -12.24 -4.33
C ALA A 82 -5.49 -11.79 -5.63
N ASP A 83 -6.29 -11.73 -6.69
CA ASP A 83 -5.77 -11.38 -8.00
C ASP A 83 -6.38 -10.08 -8.50
N ALA A 84 -5.50 -9.14 -8.81
CA ALA A 84 -5.92 -7.82 -9.25
C ALA A 84 -6.71 -7.85 -10.55
N THR A 85 -6.62 -8.96 -11.28
CA THR A 85 -7.34 -9.10 -12.55
C THR A 85 -8.82 -9.40 -12.31
N THR A 86 -9.10 -10.18 -11.27
CA THR A 86 -10.47 -10.56 -10.95
C THR A 86 -11.24 -9.40 -10.33
N LEU A 87 -10.55 -8.29 -10.10
CA LEU A 87 -11.16 -7.10 -9.52
C LEU A 87 -11.53 -6.09 -10.60
N ASP A 96 -16.77 -6.86 -3.86
CA ASP A 96 -15.89 -8.01 -4.00
C ASP A 96 -14.54 -7.75 -3.33
N VAL A 97 -14.23 -6.48 -3.12
CA VAL A 97 -12.98 -6.10 -2.47
C VAL A 97 -12.96 -6.57 -1.02
N GLU A 98 -14.13 -6.54 -0.39
CA GLU A 98 -14.27 -6.98 1.00
C GLU A 98 -14.32 -8.50 1.09
N ASN A 99 -14.53 -9.15 -0.06
CA ASN A 99 -14.53 -10.61 -0.11
C ASN A 99 -13.18 -11.16 0.36
N ILE A 100 -12.11 -10.48 -0.02
CA ILE A 100 -10.77 -10.86 0.43
C ILE A 100 -10.72 -10.88 1.96
N ILE A 101 -11.39 -9.91 2.58
CA ILE A 101 -11.41 -9.81 4.03
C ILE A 101 -12.12 -10.99 4.68
N GLN A 102 -13.31 -11.32 4.18
CA GLN A 102 -14.08 -12.43 4.73
C GLN A 102 -13.31 -13.74 4.59
N LYS A 103 -12.53 -13.86 3.52
CA LYS A 103 -11.69 -15.01 3.29
C LYS A 103 -10.58 -15.07 4.34
N LEU A 104 -10.02 -13.91 4.65
CA LEU A 104 -8.99 -13.80 5.66
C LEU A 104 -9.54 -14.18 7.04
N LEU A 105 -10.83 -13.91 7.25
CA LEU A 105 -11.50 -14.30 8.48
C LEU A 105 -11.80 -15.79 8.49
N GLN A 106 -12.00 -16.35 7.29
CA GLN A 106 -12.29 -17.77 7.15
C GLN A 106 -11.11 -18.62 7.62
N LYS A 107 -9.91 -18.22 7.22
CA LYS A 107 -8.70 -18.95 7.61
C LYS A 107 -8.17 -18.46 8.95
N CYS A 108 -8.93 -17.59 9.61
CA CYS A 108 -8.51 -17.01 10.88
C CYS A 108 -9.46 -17.38 12.01
N ASP A 109 -10.41 -18.27 11.72
CA ASP A 109 -11.41 -18.68 12.70
C ASP A 109 -12.28 -17.49 13.10
N TYR A 110 -12.36 -16.51 12.22
CA TYR A 110 -13.22 -15.34 12.42
C TYR A 110 -12.79 -14.51 13.62
N ASP A 111 -11.51 -14.60 13.97
CA ASP A 111 -10.96 -13.82 15.07
C ASP A 111 -10.53 -12.45 14.57
N VAL A 112 -11.27 -11.43 14.97
CA VAL A 112 -11.05 -10.07 14.48
C VAL A 112 -9.60 -9.62 14.63
N GLN A 113 -9.05 -9.74 15.83
CA GLN A 113 -7.69 -9.27 16.10
C GLN A 113 -6.65 -10.02 15.28
N LYS A 114 -6.70 -11.34 15.30
CA LYS A 114 -5.75 -12.16 14.56
C LYS A 114 -5.88 -11.92 13.06
N ALA A 115 -7.08 -11.51 12.63
CA ALA A 115 -7.31 -11.22 11.22
C ALA A 115 -6.76 -9.85 10.85
N GLN A 116 -6.54 -9.01 11.85
CA GLN A 116 -5.96 -7.69 11.65
C GLN A 116 -4.44 -7.78 11.58
N ARG A 117 -3.89 -8.83 12.17
CA ARG A 117 -2.46 -9.07 12.14
C ARG A 117 -2.08 -9.74 10.83
N GLY A 118 -3.09 -10.10 10.05
CA GLY A 118 -2.90 -10.86 8.83
C GLY A 118 -2.10 -10.18 7.74
N ILE A 119 -1.76 -10.97 6.71
CA ILE A 119 -1.08 -10.45 5.54
C ILE A 119 -1.95 -10.70 4.30
N VAL A 120 -1.95 -9.75 3.37
CA VAL A 120 -2.72 -9.91 2.14
C VAL A 120 -1.85 -9.67 0.92
N TYR A 121 -1.74 -10.68 0.06
CA TYR A 121 -0.97 -10.55 -1.15
C TYR A 121 -1.87 -10.32 -2.36
N ILE A 122 -1.59 -9.27 -3.10
CA ILE A 122 -2.34 -8.96 -4.32
C ILE A 122 -1.45 -9.18 -5.54
N ASP A 123 -1.84 -10.12 -6.40
CA ASP A 123 -1.02 -10.49 -7.54
C ASP A 123 -1.42 -9.72 -8.80
N GLU A 124 -0.47 -9.54 -9.70
CA GLU A 124 -0.70 -8.87 -10.98
C GLU A 124 -1.21 -7.45 -10.82
N ILE A 125 -0.59 -6.70 -9.92
CA ILE A 125 -0.93 -5.30 -9.72
C ILE A 125 -0.58 -4.47 -10.96
N ASP A 126 0.54 -4.82 -11.59
CA ASP A 126 0.98 -4.13 -12.80
C ASP A 126 -0.05 -4.21 -13.92
N LYS A 127 -1.01 -5.12 -13.77
CA LYS A 127 -2.03 -5.36 -14.79
C LYS A 127 -3.16 -4.33 -14.75
N ILE A 128 -3.38 -3.75 -13.57
CA ILE A 128 -4.48 -2.80 -13.41
C ILE A 128 -4.04 -1.37 -13.65
N SER A 129 -2.84 -1.20 -14.17
CA SER A 129 -2.30 0.13 -14.45
C SER A 129 -2.87 0.71 -15.74
N ARG A 130 -3.66 1.76 -15.62
CA ARG A 130 -4.27 2.41 -16.79
C ARG A 130 -3.24 3.24 -17.56
N LYS A 131 -2.67 2.64 -18.60
CA LYS A 131 -1.67 3.34 -19.42
C LYS A 131 -1.86 3.01 -20.90
N VAL A 141 -10.36 2.78 -17.26
CA VAL A 141 -11.33 3.32 -16.30
C VAL A 141 -11.52 2.37 -15.12
N SER A 142 -12.11 1.21 -15.39
CA SER A 142 -12.37 0.22 -14.35
C SER A 142 -11.08 -0.13 -13.60
N GLY A 143 -9.97 -0.23 -14.33
CA GLY A 143 -8.69 -0.53 -13.73
C GLY A 143 -8.31 0.48 -12.66
N GLU A 144 -8.30 1.76 -13.05
CA GLU A 144 -8.00 2.83 -12.11
C GLU A 144 -8.99 2.80 -10.95
N GLY A 145 -10.24 2.46 -11.25
CA GLY A 145 -11.27 2.36 -10.24
C GLY A 145 -10.94 1.30 -9.21
N VAL A 146 -10.33 0.21 -9.67
CA VAL A 146 -9.91 -0.86 -8.77
C VAL A 146 -8.76 -0.39 -7.88
N GLN A 147 -7.82 0.35 -8.46
CA GLN A 147 -6.71 0.89 -7.72
C GLN A 147 -7.22 1.70 -6.55
N GLN A 148 -8.27 2.47 -6.81
CA GLN A 148 -8.83 3.39 -5.83
C GLN A 148 -9.72 2.67 -4.83
N ALA A 149 -10.45 1.69 -5.31
CA ALA A 149 -11.31 0.88 -4.45
C ALA A 149 -10.44 0.08 -3.48
N LEU A 150 -9.41 -0.57 -4.02
CA LEU A 150 -8.47 -1.33 -3.21
C LEU A 150 -7.68 -0.40 -2.31
N LEU A 151 -7.48 0.83 -2.79
CA LEU A 151 -6.78 1.85 -2.03
C LEU A 151 -7.50 2.15 -0.72
N LYS A 152 -8.82 2.14 -0.76
CA LYS A 152 -9.65 2.39 0.42
C LYS A 152 -9.35 1.35 1.49
N LEU A 153 -9.04 0.13 1.07
CA LEU A 153 -8.65 -0.92 2.00
C LEU A 153 -7.29 -0.62 2.61
N ILE A 154 -6.31 -0.40 1.73
CA ILE A 154 -4.95 -0.10 2.16
C ILE A 154 -4.93 0.90 3.32
N GLU A 155 -5.73 1.95 3.19
CA GLU A 155 -5.86 2.93 4.27
C GLU A 155 -6.49 2.30 5.50
N GLY A 156 -7.72 1.78 5.34
CA GLY A 156 -8.40 1.10 6.42
C GLY A 156 -9.71 1.75 6.81
N THR A 157 -10.76 0.94 6.91
CA THR A 157 -12.08 1.43 7.29
C THR A 157 -12.74 0.52 8.32
N LEU A 175 -18.64 -7.62 8.36
CA LEU A 175 -17.49 -7.63 9.26
C LEU A 175 -17.25 -6.24 9.84
N GLN A 176 -16.55 -6.19 10.96
CA GLN A 176 -16.28 -4.93 11.65
C GLN A 176 -14.77 -4.62 11.69
N VAL A 177 -13.98 -5.55 11.17
CA VAL A 177 -12.52 -5.43 11.21
C VAL A 177 -12.03 -4.22 10.40
N ASP A 178 -10.94 -3.62 10.86
CA ASP A 178 -10.33 -2.52 10.13
C ASP A 178 -9.13 -3.03 9.32
N THR A 179 -9.01 -2.56 8.08
CA THR A 179 -7.96 -3.03 7.19
C THR A 179 -6.67 -2.22 7.31
N SER A 180 -6.65 -1.29 8.25
CA SER A 180 -5.45 -0.49 8.50
C SER A 180 -4.34 -1.36 9.08
N LYS A 181 -4.72 -2.29 9.94
CA LYS A 181 -3.77 -3.12 10.67
C LYS A 181 -3.06 -4.14 9.79
N ILE A 182 -3.78 -4.71 8.82
CA ILE A 182 -3.25 -5.79 7.99
C ILE A 182 -2.20 -5.29 6.98
N LEU A 183 -1.16 -6.10 6.81
CA LEU A 183 -0.08 -5.78 5.88
C LEU A 183 -0.46 -6.15 4.45
N PHE A 184 -0.15 -5.26 3.51
CA PHE A 184 -0.46 -5.50 2.10
C PHE A 184 0.80 -5.65 1.26
N ILE A 185 0.92 -6.79 0.58
CA ILE A 185 2.02 -7.02 -0.34
C ILE A 185 1.45 -7.12 -1.76
N CYS A 186 1.85 -6.20 -2.62
CA CYS A 186 1.34 -6.16 -3.98
C CYS A 186 2.39 -6.59 -5.01
N GLY A 187 2.25 -7.82 -5.50
CA GLY A 187 3.18 -8.35 -6.48
C GLY A 187 2.87 -7.89 -7.89
N GLY A 188 3.74 -8.24 -8.83
CA GLY A 188 3.56 -7.85 -10.22
C GLY A 188 4.86 -7.89 -10.99
N ALA A 189 4.77 -8.20 -12.28
CA ALA A 189 5.95 -8.31 -13.14
C ALA A 189 6.40 -6.94 -13.64
N PHE A 190 5.42 -6.07 -13.92
CA PHE A 190 5.73 -4.74 -14.44
C PHE A 190 6.65 -4.81 -15.65
N ALA A 191 6.11 -5.29 -16.77
CA ALA A 191 6.90 -5.47 -17.98
C ALA A 191 7.49 -4.15 -18.48
N GLY A 192 6.62 -3.22 -18.85
CA GLY A 192 7.05 -1.94 -19.39
C GLY A 192 7.88 -1.10 -18.43
N LEU A 193 7.84 -1.45 -17.15
CA LEU A 193 8.57 -0.71 -16.13
C LEU A 193 10.07 -0.65 -16.42
N ASP A 194 10.62 -1.77 -16.86
CA ASP A 194 12.05 -1.84 -17.17
C ASP A 194 12.43 -0.77 -18.19
N LYS A 195 11.47 -0.35 -19.00
CA LYS A 195 11.71 0.63 -20.05
C LYS A 195 11.67 2.06 -19.53
N VAL A 196 10.60 2.42 -18.83
CA VAL A 196 10.44 3.78 -18.32
C VAL A 196 11.61 4.19 -17.41
N ILE A 197 12.05 3.27 -16.57
CA ILE A 197 13.19 3.53 -15.69
C ILE A 197 14.43 3.85 -16.52
N SER A 198 14.59 3.12 -17.61
CA SER A 198 15.73 3.32 -18.51
C SER A 198 15.67 4.69 -19.19
N HIS A 199 14.46 5.13 -19.52
CA HIS A 199 14.26 6.41 -20.19
C HIS A 199 14.46 7.57 -19.23
N ARG A 200 14.71 7.26 -17.96
CA ARG A 200 14.91 8.27 -16.93
C ARG A 200 16.34 8.26 -16.40
N VAL A 201 16.79 7.10 -15.95
CA VAL A 201 18.12 6.95 -15.36
C VAL A 201 19.21 7.41 -16.32
N GLU A 202 19.00 7.21 -17.62
CA GLU A 202 19.97 7.61 -18.63
C GLU A 202 20.21 9.12 -18.59
N GLU A 222 18.68 -5.92 -16.10
CA GLU A 222 17.37 -5.56 -15.61
C GLU A 222 17.38 -5.27 -14.12
N GLY A 223 18.12 -6.10 -13.38
CA GLY A 223 18.23 -5.94 -11.94
C GLY A 223 18.78 -4.58 -11.55
N GLU A 224 19.88 -4.19 -12.17
CA GLU A 224 20.50 -2.90 -11.91
C GLU A 224 19.54 -1.76 -12.22
N LEU A 225 18.64 -1.99 -13.17
CA LEU A 225 17.67 -0.99 -13.57
C LEU A 225 16.49 -0.93 -12.60
N LEU A 226 16.05 -2.09 -12.12
CA LEU A 226 14.95 -2.16 -11.17
C LEU A 226 15.36 -1.62 -9.80
N ALA A 227 16.66 -1.56 -9.55
CA ALA A 227 17.18 -1.01 -8.30
C ALA A 227 17.04 0.51 -8.30
N GLN A 228 17.06 1.11 -9.49
CA GLN A 228 16.91 2.54 -9.64
C GLN A 228 15.44 2.96 -9.69
N VAL A 229 14.55 2.01 -9.38
CA VAL A 229 13.11 2.26 -9.45
C VAL A 229 12.71 3.45 -8.58
N GLU A 230 11.79 4.26 -9.10
CA GLU A 230 11.28 5.41 -8.36
C GLU A 230 9.78 5.51 -8.50
N PRO A 231 9.11 6.06 -7.47
CA PRO A 231 7.65 6.20 -7.47
C PRO A 231 7.13 6.87 -8.73
N GLU A 232 7.91 7.77 -9.31
CA GLU A 232 7.49 8.45 -10.53
C GLU A 232 7.49 7.51 -11.72
N ASP A 233 8.39 6.52 -11.70
CA ASP A 233 8.44 5.51 -12.74
C ASP A 233 7.15 4.69 -12.73
N LEU A 234 6.68 4.38 -11.53
CA LEU A 234 5.42 3.65 -11.38
C LEU A 234 4.24 4.51 -11.81
N ILE A 235 4.34 5.82 -11.59
CA ILE A 235 3.32 6.76 -12.02
C ILE A 235 3.15 6.70 -13.54
N LYS A 236 4.24 6.93 -14.25
CA LYS A 236 4.23 6.89 -15.71
C LYS A 236 3.82 5.51 -16.21
N PHE A 237 4.08 4.49 -15.41
CA PHE A 237 3.75 3.12 -15.77
C PHE A 237 2.24 2.93 -15.87
N GLY A 238 1.51 3.52 -14.93
CA GLY A 238 0.06 3.45 -14.95
C GLY A 238 -0.58 3.41 -13.58
N LEU A 239 0.22 3.63 -12.53
CA LEU A 239 -0.29 3.66 -11.17
C LEU A 239 -0.56 5.09 -10.71
N ILE A 240 -1.64 5.27 -9.96
CA ILE A 240 -2.00 6.59 -9.46
C ILE A 240 -1.17 6.95 -8.22
N PRO A 241 -0.84 8.25 -8.07
CA PRO A 241 0.01 8.72 -6.98
C PRO A 241 -0.49 8.29 -5.60
N GLU A 242 -1.78 8.47 -5.34
CA GLU A 242 -2.35 8.14 -4.04
C GLU A 242 -2.25 6.65 -3.71
N PHE A 243 -2.07 5.83 -4.75
CA PHE A 243 -1.93 4.40 -4.57
C PHE A 243 -0.48 4.02 -4.26
N ILE A 244 0.45 4.64 -4.99
CA ILE A 244 1.87 4.38 -4.79
C ILE A 244 2.34 4.86 -3.44
N GLY A 245 1.77 5.97 -2.97
CA GLY A 245 2.11 6.55 -1.70
C GLY A 245 1.73 5.65 -0.54
N ARG A 246 0.96 4.61 -0.84
CA ARG A 246 0.54 3.65 0.18
C ARG A 246 1.47 2.44 0.19
N LEU A 247 2.30 2.33 -0.85
CA LEU A 247 3.30 1.27 -0.93
C LEU A 247 4.70 1.84 -0.83
N PRO A 248 5.13 2.18 0.39
CA PRO A 248 6.44 2.79 0.63
C PRO A 248 7.58 1.80 0.37
N VAL A 249 7.39 0.56 0.81
CA VAL A 249 8.43 -0.46 0.70
C VAL A 249 8.40 -1.17 -0.65
N VAL A 250 9.44 -0.95 -1.46
CA VAL A 250 9.52 -1.57 -2.77
C VAL A 250 10.69 -2.56 -2.86
N ALA A 251 10.37 -3.85 -2.81
CA ALA A 251 11.37 -4.90 -2.95
C ALA A 251 11.36 -5.49 -4.35
N THR A 252 12.54 -5.55 -4.98
CA THR A 252 12.66 -6.03 -6.35
C THR A 252 13.41 -7.36 -6.42
N LEU A 253 12.89 -8.29 -7.21
CA LEU A 253 13.54 -9.58 -7.39
C LEU A 253 14.19 -9.69 -8.78
N ASN A 254 15.26 -10.48 -8.85
CA ASN A 254 15.95 -10.70 -10.11
C ASN A 254 15.41 -11.93 -10.82
N GLU A 255 15.62 -12.00 -12.13
CA GLU A 255 15.26 -13.19 -12.89
C GLU A 255 16.13 -14.37 -12.44
N LEU A 256 15.50 -15.46 -12.05
CA LEU A 256 16.19 -16.61 -11.48
C LEU A 256 17.26 -17.18 -12.41
N SER A 257 18.44 -17.46 -11.88
CA SER A 257 19.53 -17.98 -12.71
C SER A 257 19.32 -19.45 -13.07
N GLU A 258 20.05 -19.90 -14.08
CA GLU A 258 19.90 -21.26 -14.60
C GLU A 258 20.47 -22.26 -13.62
N GLU A 259 21.68 -21.99 -13.13
CA GLU A 259 22.21 -22.75 -12.02
C GLU A 259 21.25 -22.64 -10.84
N ALA A 260 20.66 -21.47 -10.65
CA ALA A 260 19.69 -21.28 -9.57
C ALA A 260 18.58 -22.30 -9.75
N LEU A 261 18.24 -22.60 -11.00
CA LEU A 261 17.24 -23.62 -11.29
C LEU A 261 17.61 -24.90 -10.55
N ILE A 262 18.84 -25.37 -10.73
CA ILE A 262 19.32 -26.55 -10.04
C ILE A 262 19.16 -26.38 -8.53
N GLN A 263 19.50 -25.21 -8.02
CA GLN A 263 19.34 -24.93 -6.60
C GLN A 263 17.86 -24.98 -6.21
N ILE A 264 16.99 -24.61 -7.14
CA ILE A 264 15.55 -24.65 -6.90
C ILE A 264 15.07 -26.10 -6.78
N LEU A 265 15.73 -27.00 -7.50
CA LEU A 265 15.38 -28.41 -7.48
C LEU A 265 15.96 -29.11 -6.23
N LYS A 266 16.89 -28.44 -5.56
CA LYS A 266 17.62 -29.05 -4.45
C LYS A 266 17.40 -28.32 -3.12
N GLU A 267 17.89 -27.08 -3.05
CA GLU A 267 17.98 -26.34 -1.80
C GLU A 267 16.68 -26.19 -1.01
N PRO A 268 15.61 -25.65 -1.63
CA PRO A 268 14.39 -25.37 -0.88
C PRO A 268 13.93 -26.59 -0.09
N LYS A 269 13.27 -26.36 1.04
CA LYS A 269 12.81 -27.45 1.90
C LYS A 269 11.61 -28.13 1.26
N ASN A 270 11.12 -27.57 0.16
CA ASN A 270 10.04 -28.17 -0.59
C ASN A 270 10.44 -28.41 -2.04
N ALA A 271 11.75 -28.48 -2.27
CA ALA A 271 12.27 -28.73 -3.61
C ALA A 271 11.69 -30.02 -4.19
N LEU A 272 11.58 -30.07 -5.51
CA LEU A 272 11.04 -31.24 -6.19
C LEU A 272 11.72 -32.52 -5.75
N THR A 273 13.05 -32.55 -5.85
CA THR A 273 13.82 -33.74 -5.50
C THR A 273 13.45 -34.28 -4.12
N LYS A 274 13.26 -33.39 -3.16
CA LYS A 274 12.93 -33.78 -1.79
C LYS A 274 11.53 -34.39 -1.70
N GLN A 275 10.59 -33.84 -2.46
CA GLN A 275 9.23 -34.34 -2.47
C GLN A 275 9.18 -35.76 -3.01
N TYR A 276 9.80 -35.96 -4.18
CA TYR A 276 9.82 -37.27 -4.81
C TYR A 276 10.63 -38.29 -4.02
N GLN A 277 11.80 -37.88 -3.55
CA GLN A 277 12.60 -38.73 -2.68
C GLN A 277 11.75 -39.20 -1.50
N ALA A 278 10.78 -38.38 -1.13
CA ALA A 278 9.86 -38.71 -0.03
C ALA A 278 8.75 -39.62 -0.52
N LEU A 279 8.23 -39.33 -1.71
CA LEU A 279 7.21 -40.19 -2.32
C LEU A 279 7.77 -41.59 -2.51
N PHE A 280 8.98 -41.66 -3.03
CA PHE A 280 9.67 -42.93 -3.18
C PHE A 280 10.06 -43.50 -1.81
N ASN A 281 10.26 -42.62 -0.85
CA ASN A 281 10.71 -43.02 0.48
C ASN A 281 9.68 -43.88 1.21
N LEU A 282 8.42 -43.48 1.13
CA LEU A 282 7.34 -44.24 1.74
C LEU A 282 7.05 -45.51 0.93
N GLU A 283 7.82 -45.71 -0.14
CA GLU A 283 7.76 -46.93 -0.92
C GLU A 283 8.87 -47.87 -0.46
N GLY A 284 9.76 -47.36 0.38
CA GLY A 284 10.89 -48.12 0.87
C GLY A 284 12.09 -47.99 -0.06
N VAL A 285 11.94 -47.13 -1.06
CA VAL A 285 12.98 -46.94 -2.08
C VAL A 285 13.67 -45.59 -1.93
N ASP A 286 14.97 -45.58 -2.13
CA ASP A 286 15.74 -44.34 -2.09
C ASP A 286 15.95 -43.79 -3.50
N LEU A 287 15.50 -42.57 -3.73
CA LEU A 287 15.66 -41.93 -5.03
C LEU A 287 16.90 -41.05 -5.02
N GLU A 288 17.77 -41.25 -6.02
CA GLU A 288 18.99 -40.46 -6.11
C GLU A 288 19.05 -39.67 -7.41
N PHE A 289 19.07 -38.35 -7.28
CA PHE A 289 19.22 -37.46 -8.43
C PHE A 289 20.68 -37.08 -8.61
N ARG A 290 21.29 -37.59 -9.68
CA ARG A 290 22.65 -37.19 -10.03
C ARG A 290 22.64 -35.77 -10.56
N ASP A 291 23.65 -34.98 -10.19
CA ASP A 291 23.73 -33.58 -10.58
C ASP A 291 23.56 -33.39 -12.08
N GLU A 292 24.02 -34.35 -12.86
CA GLU A 292 23.88 -34.30 -14.31
C GLU A 292 22.40 -34.25 -14.69
N ALA A 293 21.60 -35.09 -14.03
CA ALA A 293 20.17 -35.13 -14.27
C ALA A 293 19.51 -33.79 -13.91
N LEU A 294 19.97 -33.19 -12.81
CA LEU A 294 19.43 -31.91 -12.36
C LEU A 294 19.78 -30.79 -13.32
N ASP A 295 21.01 -30.80 -13.83
CA ASP A 295 21.43 -29.83 -14.84
C ASP A 295 20.65 -30.05 -16.13
N ALA A 296 20.43 -31.32 -16.47
CA ALA A 296 19.65 -31.67 -17.64
C ALA A 296 18.24 -31.09 -17.53
N ILE A 297 17.64 -31.26 -16.36
CA ILE A 297 16.31 -30.71 -16.10
C ILE A 297 16.31 -29.19 -16.24
N ALA A 298 17.37 -28.56 -15.74
CA ALA A 298 17.51 -27.12 -15.83
C ALA A 298 17.50 -26.68 -17.29
N LYS A 299 18.32 -27.32 -18.11
CA LYS A 299 18.41 -27.00 -19.53
C LYS A 299 17.06 -27.21 -20.23
N LYS A 300 16.45 -28.36 -19.99
CA LYS A 300 15.15 -28.68 -20.55
C LYS A 300 14.15 -27.57 -20.27
N ALA A 301 14.19 -27.05 -19.04
CA ALA A 301 13.29 -25.99 -18.62
C ALA A 301 13.58 -24.68 -19.32
N MET A 302 14.87 -24.41 -19.59
CA MET A 302 15.26 -23.17 -20.23
C MET A 302 14.90 -23.17 -21.71
N ALA A 303 15.06 -24.32 -22.37
CA ALA A 303 14.75 -24.45 -23.78
C ALA A 303 13.27 -24.19 -24.04
N ARG A 304 12.45 -24.41 -23.02
CA ARG A 304 11.00 -24.21 -23.13
C ARG A 304 10.56 -22.86 -22.57
N LYS A 305 11.52 -22.14 -21.98
CA LYS A 305 11.25 -20.79 -21.48
C LYS A 305 10.19 -20.77 -20.39
N THR A 306 9.84 -21.94 -19.87
CA THR A 306 8.81 -22.06 -18.84
C THR A 306 9.34 -21.71 -17.46
N GLY A 307 10.60 -21.33 -17.38
CA GLY A 307 11.22 -20.97 -16.13
C GLY A 307 11.17 -22.08 -15.10
N ALA A 308 10.86 -21.72 -13.85
CA ALA A 308 10.76 -22.70 -12.78
C ALA A 308 9.38 -23.34 -12.76
N ARG A 309 8.44 -22.75 -13.47
CA ARG A 309 7.08 -23.26 -13.55
C ARG A 309 7.03 -24.56 -14.36
N GLY A 310 8.01 -24.73 -15.24
CA GLY A 310 8.06 -25.91 -16.09
C GLY A 310 9.04 -26.96 -15.60
N LEU A 311 9.30 -26.97 -14.30
CA LEU A 311 10.20 -27.95 -13.71
C LEU A 311 9.45 -29.24 -13.35
N ARG A 312 8.35 -29.09 -12.64
CA ARG A 312 7.53 -30.24 -12.26
C ARG A 312 7.05 -31.01 -13.48
N SER A 313 6.70 -30.28 -14.54
CA SER A 313 6.22 -30.89 -15.76
C SER A 313 7.30 -31.75 -16.41
N ILE A 314 8.55 -31.52 -16.03
CA ILE A 314 9.68 -32.30 -16.53
C ILE A 314 9.94 -33.50 -15.65
N VAL A 315 10.00 -33.28 -14.35
CA VAL A 315 10.29 -34.34 -13.39
C VAL A 315 9.21 -35.42 -13.40
N GLU A 316 7.95 -34.99 -13.42
CA GLU A 316 6.83 -35.93 -13.49
C GLU A 316 6.94 -36.82 -14.72
N ALA A 317 7.20 -36.21 -15.86
CA ALA A 317 7.32 -36.95 -17.11
C ALA A 317 8.51 -37.91 -17.08
N ALA A 318 9.55 -37.53 -16.35
CA ALA A 318 10.76 -38.34 -16.25
C ALA A 318 10.58 -39.54 -15.33
N LEU A 319 9.78 -39.37 -14.29
CA LEU A 319 9.57 -40.42 -13.30
C LEU A 319 8.23 -41.12 -13.47
N LEU A 320 7.57 -40.85 -14.60
CA LEU A 320 6.26 -41.44 -14.88
C LEU A 320 6.32 -42.97 -14.89
N ASP A 321 6.98 -43.52 -15.90
CA ASP A 321 7.10 -44.96 -16.05
C ASP A 321 7.57 -45.62 -14.75
N THR A 322 8.59 -45.04 -14.13
CA THR A 322 9.17 -45.60 -12.91
C THR A 322 8.18 -45.63 -11.76
N MET A 323 7.39 -44.58 -11.62
CA MET A 323 6.38 -44.50 -10.56
C MET A 323 5.19 -45.40 -10.88
N TYR A 324 5.07 -45.79 -12.15
CA TYR A 324 3.99 -46.65 -12.59
C TYR A 324 4.19 -48.07 -12.08
N ASP A 325 5.35 -48.65 -12.41
CA ASP A 325 5.64 -50.02 -12.02
C ASP A 325 6.58 -50.11 -10.82
N LEU A 326 6.58 -49.07 -9.98
CA LEU A 326 7.38 -49.08 -8.76
C LEU A 326 6.77 -49.95 -7.67
N PRO A 327 5.47 -49.75 -7.37
CA PRO A 327 4.81 -50.54 -6.32
C PRO A 327 4.74 -52.02 -6.67
N SER A 328 5.10 -52.36 -7.90
CA SER A 328 5.07 -53.74 -8.35
C SER A 328 6.47 -54.36 -8.33
N MET A 329 7.40 -53.68 -7.68
CA MET A 329 8.78 -54.13 -7.62
C MET A 329 9.29 -54.28 -6.20
N GLU A 330 10.43 -54.95 -6.07
CA GLU A 330 11.13 -55.05 -4.80
C GLU A 330 12.62 -54.81 -5.05
N ASP A 331 13.06 -53.58 -4.77
CA ASP A 331 14.47 -53.21 -4.93
C ASP A 331 14.87 -52.15 -3.92
N VAL A 332 16.16 -51.86 -3.85
CA VAL A 332 16.69 -50.94 -2.84
C VAL A 332 16.52 -49.47 -3.21
N GLU A 333 17.00 -49.09 -4.38
CA GLU A 333 16.93 -47.68 -4.79
C GLU A 333 16.93 -47.49 -6.31
N LYS A 334 16.37 -46.37 -6.74
CA LYS A 334 16.41 -45.97 -8.15
C LYS A 334 17.28 -44.73 -8.30
N VAL A 335 18.11 -44.72 -9.33
CA VAL A 335 19.03 -43.61 -9.56
C VAL A 335 18.78 -42.94 -10.91
N VAL A 336 18.39 -41.68 -10.87
CA VAL A 336 18.10 -40.94 -12.09
C VAL A 336 19.33 -40.26 -12.66
N ILE A 337 19.75 -40.70 -13.85
CA ILE A 337 20.89 -40.12 -14.53
C ILE A 337 20.44 -39.10 -15.56
N ASP A 338 21.37 -38.38 -16.14
CA ASP A 338 21.05 -37.40 -17.17
C ASP A 338 20.41 -38.06 -18.37
N GLU A 339 20.87 -39.27 -18.69
CA GLU A 339 20.33 -40.04 -19.81
C GLU A 339 18.82 -40.24 -19.68
N SER A 340 18.35 -40.29 -18.44
CA SER A 340 16.92 -40.49 -18.17
C SER A 340 16.11 -39.23 -18.48
N VAL A 341 16.73 -38.07 -18.30
CA VAL A 341 16.03 -36.80 -18.48
C VAL A 341 16.10 -36.30 -19.93
N ILE A 342 17.29 -35.90 -20.37
CA ILE A 342 17.48 -35.36 -21.71
C ILE A 342 16.97 -36.32 -22.79
N ASP A 343 17.60 -37.47 -22.90
CA ASP A 343 17.22 -38.46 -23.90
C ASP A 343 15.80 -38.96 -23.64
N GLY A 344 15.47 -39.17 -22.38
CA GLY A 344 14.16 -39.67 -22.00
C GLY A 344 13.95 -41.09 -22.48
N GLN A 345 14.91 -41.58 -23.26
CA GLN A 345 14.84 -42.94 -23.80
C GLN A 345 15.35 -43.96 -22.80
N SER A 346 16.41 -43.60 -22.08
CA SER A 346 17.00 -44.50 -21.11
C SER A 346 16.16 -44.54 -19.83
N GLU A 347 15.93 -45.75 -19.32
CA GLU A 347 15.24 -45.92 -18.05
C GLU A 347 16.20 -45.67 -16.90
N PRO A 348 15.68 -45.22 -15.76
CA PRO A 348 16.53 -44.90 -14.60
C PRO A 348 17.21 -46.15 -14.05
N LEU A 349 18.44 -45.98 -13.56
CA LEU A 349 19.17 -47.08 -12.97
C LEU A 349 18.39 -47.68 -11.80
N LEU A 350 18.30 -49.01 -11.77
CA LEU A 350 17.63 -49.71 -10.70
C LEU A 350 18.61 -50.57 -9.91
N ILE A 351 18.52 -50.52 -8.59
CA ILE A 351 19.43 -51.24 -7.72
C ILE A 351 18.68 -52.11 -6.72
N TYR A 352 19.02 -53.39 -6.69
CA TYR A 352 18.33 -54.35 -5.83
C TYR A 352 19.16 -54.69 -4.60
N ALA B 2 -19.41 21.17 25.34
CA ALA B 2 -19.07 22.55 25.03
C ALA B 2 -18.36 22.65 23.68
N LEU B 3 -18.94 23.42 22.76
CA LEU B 3 -18.36 23.59 21.43
C LEU B 3 -17.12 24.47 21.45
N PRO B 4 -16.06 24.03 20.76
CA PRO B 4 -14.80 24.77 20.65
C PRO B 4 -14.93 25.94 19.70
N THR B 5 -14.55 27.13 20.15
CA THR B 5 -14.56 28.31 19.30
C THR B 5 -13.70 28.04 18.06
N PRO B 6 -14.05 28.69 16.93
CA PRO B 6 -13.29 28.51 15.69
C PRO B 6 -11.79 28.71 15.91
N HIS B 7 -11.42 29.49 16.93
CA HIS B 7 -10.02 29.68 17.29
C HIS B 7 -9.42 28.35 17.74
N GLU B 8 -10.02 27.75 18.74
CA GLU B 8 -9.58 26.46 19.26
C GLU B 8 -9.50 25.44 18.13
N ILE B 9 -10.46 25.49 17.22
CA ILE B 9 -10.49 24.57 16.09
C ILE B 9 -9.29 24.76 15.16
N ARG B 10 -9.08 26.00 14.73
CA ARG B 10 -7.94 26.31 13.86
C ARG B 10 -6.63 26.01 14.56
N ASN B 11 -6.59 26.22 15.87
CA ASN B 11 -5.40 25.97 16.66
C ASN B 11 -5.02 24.48 16.64
N HIS B 12 -6.01 23.61 16.87
CA HIS B 12 -5.77 22.17 16.86
C HIS B 12 -5.46 21.66 15.45
N LEU B 13 -5.98 22.34 14.45
CA LEU B 13 -5.71 21.99 13.05
C LEU B 13 -4.26 22.28 12.68
N ASP B 14 -3.66 23.24 13.37
CA ASP B 14 -2.26 23.59 13.14
C ASP B 14 -1.33 22.49 13.63
N ASP B 15 -1.87 21.58 14.45
CA ASP B 15 -1.07 20.53 15.06
C ASP B 15 -0.99 19.27 14.18
N TYR B 16 -1.78 19.24 13.11
CA TYR B 16 -1.79 18.09 12.20
C TYR B 16 -1.48 18.51 10.76
N VAL B 17 -1.98 19.67 10.37
CA VAL B 17 -1.78 20.18 9.01
C VAL B 17 -0.98 21.47 9.04
N ILE B 18 -0.12 21.64 8.03
CA ILE B 18 0.75 22.80 7.96
C ILE B 18 0.35 23.73 6.82
N GLY B 19 0.35 25.03 7.09
CA GLY B 19 -0.06 26.01 6.10
C GLY B 19 -1.56 25.98 5.95
N GLN B 20 -2.04 26.39 4.78
CA GLN B 20 -3.47 26.39 4.48
C GLN B 20 -4.26 27.09 5.59
N GLU B 21 -3.64 28.10 6.19
CA GLU B 21 -4.24 28.81 7.32
C GLU B 21 -5.64 29.35 6.98
N GLN B 22 -5.77 29.94 5.80
CA GLN B 22 -7.06 30.47 5.35
C GLN B 22 -8.11 29.36 5.30
N ALA B 23 -7.78 28.27 4.62
CA ALA B 23 -8.68 27.13 4.52
C ALA B 23 -9.09 26.61 5.89
N LYS B 24 -8.15 26.68 6.84
CA LYS B 24 -8.42 26.24 8.21
C LYS B 24 -9.33 27.21 8.95
N LYS B 25 -9.28 28.48 8.57
CA LYS B 25 -10.20 29.47 9.13
C LYS B 25 -11.60 29.22 8.59
N VAL B 26 -11.69 29.05 7.28
CA VAL B 26 -12.95 28.79 6.61
C VAL B 26 -13.61 27.52 7.16
N LEU B 27 -12.83 26.45 7.25
CA LEU B 27 -13.31 25.18 7.77
C LEU B 27 -13.72 25.32 9.23
N ALA B 28 -12.90 26.02 10.01
CA ALA B 28 -13.19 26.24 11.43
C ALA B 28 -14.55 26.91 11.63
N VAL B 29 -14.78 27.99 10.87
CA VAL B 29 -16.04 28.71 10.96
C VAL B 29 -17.20 27.83 10.48
N ALA B 30 -17.08 27.32 9.27
CA ALA B 30 -18.10 26.46 8.69
C ALA B 30 -18.48 25.34 9.64
N VAL B 31 -17.47 24.72 10.25
CA VAL B 31 -17.70 23.63 11.18
C VAL B 31 -18.41 24.11 12.45
N TYR B 32 -17.85 25.15 13.08
CA TYR B 32 -18.43 25.69 14.30
C TYR B 32 -19.91 26.03 14.09
N ASN B 33 -20.20 26.67 12.97
CA ASN B 33 -21.58 27.06 12.65
C ASN B 33 -22.50 25.87 12.40
N HIS B 34 -21.94 24.79 11.84
CA HIS B 34 -22.72 23.60 11.57
C HIS B 34 -23.19 22.92 12.85
N TYR B 35 -22.27 22.73 13.79
CA TYR B 35 -22.59 22.08 15.06
C TYR B 35 -23.23 23.05 16.05
N LYS B 36 -23.01 24.34 15.85
CA LYS B 36 -23.67 25.36 16.66
C LYS B 36 -25.13 25.44 16.24
N ARG B 37 -25.38 25.07 14.99
CA ARG B 37 -26.71 25.12 14.42
C ARG B 37 -27.49 23.86 14.77
N LEU B 38 -26.79 22.75 14.90
CA LEU B 38 -27.41 21.48 15.25
C LEU B 38 -27.78 21.42 16.73
N ARG B 39 -26.86 21.87 17.58
CA ARG B 39 -27.08 21.79 19.02
C ARG B 39 -28.20 22.71 19.50
N ASN B 40 -28.68 23.58 18.61
CA ASN B 40 -29.81 24.44 18.94
C ASN B 40 -31.05 24.10 18.12
N GLY B 41 -31.08 22.87 17.60
CA GLY B 41 -32.21 22.40 16.82
C GLY B 41 -32.64 23.38 15.75
N ASP B 42 -31.67 23.87 14.97
CA ASP B 42 -31.94 24.87 13.95
C ASP B 42 -32.67 26.06 14.54
N THR B 43 -33.93 26.24 14.13
CA THR B 43 -34.75 27.32 14.66
C THR B 43 -36.15 26.82 15.02
N LEU B 49 -31.92 27.68 8.66
CA LEU B 49 -30.48 27.89 8.82
C LEU B 49 -29.67 27.20 7.71
N GLY B 50 -28.39 27.55 7.63
CA GLY B 50 -27.55 27.15 6.52
C GLY B 50 -27.05 25.71 6.56
N LYS B 51 -27.18 24.99 5.45
CA LYS B 51 -26.60 23.65 5.35
C LYS B 51 -25.13 23.65 5.77
N SER B 52 -24.43 24.71 5.39
CA SER B 52 -23.05 24.92 5.82
C SER B 52 -22.16 23.79 5.34
N ASN B 53 -22.48 23.24 4.17
CA ASN B 53 -21.68 22.20 3.57
C ASN B 53 -20.42 22.78 2.92
N ILE B 54 -19.34 22.00 2.89
CA ILE B 54 -18.04 22.52 2.50
C ILE B 54 -17.48 21.87 1.24
N LEU B 55 -16.80 22.67 0.42
CA LEU B 55 -16.15 22.20 -0.80
C LEU B 55 -14.66 22.53 -0.77
N LEU B 56 -13.83 21.50 -0.57
CA LEU B 56 -12.39 21.69 -0.54
C LEU B 56 -11.77 21.65 -1.94
N ILE B 57 -11.05 22.70 -2.30
CA ILE B 57 -10.41 22.78 -3.60
C ILE B 57 -8.91 22.99 -3.47
N GLY B 58 -8.14 21.91 -3.59
CA GLY B 58 -6.70 21.98 -3.49
C GLY B 58 -6.03 20.84 -4.22
N PRO B 59 -4.79 21.06 -4.69
CA PRO B 59 -4.01 20.04 -5.39
C PRO B 59 -3.92 18.74 -4.59
N THR B 60 -3.58 17.64 -5.26
CA THR B 60 -3.46 16.36 -4.59
C THR B 60 -2.35 16.41 -3.56
N GLY B 61 -2.56 15.74 -2.42
CA GLY B 61 -1.57 15.72 -1.36
C GLY B 61 -1.40 17.07 -0.71
N SER B 62 -2.45 17.89 -0.76
CA SER B 62 -2.41 19.20 -0.11
C SER B 62 -2.83 19.09 1.36
N GLY B 63 -3.59 18.06 1.67
CA GLY B 63 -4.03 17.82 3.03
C GLY B 63 -5.54 17.87 3.23
N LYS B 64 -6.28 17.82 2.13
CA LYS B 64 -7.73 17.84 2.18
C LYS B 64 -8.30 16.71 3.04
N THR B 65 -7.94 15.48 2.68
CA THR B 65 -8.41 14.31 3.44
C THR B 65 -7.96 14.40 4.90
N LEU B 66 -6.70 14.79 5.11
CA LEU B 66 -6.16 14.93 6.45
C LEU B 66 -6.97 15.92 7.27
N LEU B 67 -7.30 17.06 6.66
CA LEU B 67 -8.10 18.09 7.32
C LEU B 67 -9.45 17.54 7.77
N ALA B 68 -10.16 16.90 6.85
CA ALA B 68 -11.47 16.32 7.15
C ALA B 68 -11.39 15.35 8.32
N GLU B 69 -10.44 14.44 8.26
CA GLU B 69 -10.22 13.49 9.34
C GLU B 69 -9.93 14.21 10.65
N THR B 70 -9.04 15.19 10.59
CA THR B 70 -8.63 15.93 11.78
C THR B 70 -9.82 16.62 12.44
N LEU B 71 -10.66 17.25 11.63
CA LEU B 71 -11.87 17.89 12.14
C LEU B 71 -12.72 16.88 12.90
N ALA B 72 -12.92 15.71 12.28
CA ALA B 72 -13.72 14.65 12.88
C ALA B 72 -13.21 14.26 14.26
N ARG B 73 -11.91 13.97 14.34
CA ARG B 73 -11.30 13.58 15.61
C ARG B 73 -11.41 14.69 16.65
N LEU B 74 -11.09 15.91 16.24
CA LEU B 74 -11.12 17.05 17.14
C LEU B 74 -12.49 17.26 17.79
N LEU B 75 -13.54 16.84 17.08
CA LEU B 75 -14.91 16.98 17.59
C LEU B 75 -15.49 15.64 18.02
N ASP B 76 -14.63 14.64 18.19
CA ASP B 76 -15.05 13.30 18.57
C ASP B 76 -16.34 12.90 17.86
N VAL B 77 -16.36 13.08 16.55
CA VAL B 77 -17.55 12.82 15.74
C VAL B 77 -17.30 11.76 14.68
N PRO B 78 -18.25 10.83 14.52
CA PRO B 78 -18.19 9.74 13.55
C PRO B 78 -17.83 10.21 12.15
N PHE B 79 -16.71 9.74 11.62
CA PHE B 79 -16.24 10.14 10.30
C PHE B 79 -16.15 8.95 9.35
N THR B 80 -16.36 9.21 8.06
CA THR B 80 -16.24 8.20 7.04
C THR B 80 -15.94 8.83 5.70
N MET B 81 -15.11 8.15 4.91
CA MET B 81 -14.74 8.66 3.60
C MET B 81 -15.56 8.00 2.51
N ALA B 82 -15.37 8.45 1.29
CA ALA B 82 -16.06 7.88 0.15
C ALA B 82 -15.44 8.47 -1.11
N ASP B 83 -15.44 7.71 -2.19
CA ASP B 83 -14.83 8.19 -3.43
C ASP B 83 -15.87 8.38 -4.52
N ALA B 84 -15.89 9.59 -5.06
CA ALA B 84 -16.83 9.96 -6.10
C ALA B 84 -16.64 9.13 -7.37
N THR B 85 -15.49 8.49 -7.52
CA THR B 85 -15.22 7.67 -8.69
C THR B 85 -15.94 6.33 -8.60
N THR B 86 -16.02 5.78 -7.39
CA THR B 86 -16.66 4.49 -7.18
C THR B 86 -18.19 4.60 -7.28
N LEU B 87 -18.67 5.83 -7.43
CA LEU B 87 -20.11 6.06 -7.55
C LEU B 87 -20.54 6.21 -9.01
N ASP B 96 -25.96 2.34 -3.62
CA ASP B 96 -24.60 2.39 -3.09
C ASP B 96 -24.33 3.70 -2.38
N VAL B 97 -25.14 4.71 -2.69
CA VAL B 97 -25.01 6.02 -2.07
C VAL B 97 -25.33 5.94 -0.58
N GLU B 98 -26.29 5.09 -0.23
CA GLU B 98 -26.68 4.89 1.15
C GLU B 98 -25.69 3.99 1.89
N ASN B 99 -24.83 3.31 1.12
CA ASN B 99 -23.79 2.48 1.71
C ASN B 99 -22.88 3.32 2.60
N ILE B 100 -22.58 4.53 2.15
CA ILE B 100 -21.78 5.46 2.94
C ILE B 100 -22.42 5.67 4.30
N ILE B 101 -23.74 5.75 4.32
CA ILE B 101 -24.49 5.98 5.55
C ILE B 101 -24.34 4.80 6.52
N GLN B 102 -24.57 3.59 6.02
CA GLN B 102 -24.46 2.39 6.85
C GLN B 102 -23.05 2.27 7.43
N LYS B 103 -22.06 2.70 6.68
CA LYS B 103 -20.67 2.70 7.14
C LYS B 103 -20.50 3.69 8.26
N LEU B 104 -21.14 4.84 8.13
CA LEU B 104 -21.10 5.87 9.17
C LEU B 104 -21.76 5.36 10.45
N LEU B 105 -22.77 4.51 10.29
CA LEU B 105 -23.42 3.89 11.43
C LEU B 105 -22.54 2.80 12.03
N GLN B 106 -21.73 2.16 11.19
CA GLN B 106 -20.83 1.11 11.63
C GLN B 106 -19.80 1.64 12.62
N LYS B 107 -19.22 2.80 12.31
CA LYS B 107 -18.23 3.42 13.16
C LYS B 107 -18.88 4.29 14.24
N CYS B 108 -20.20 4.24 14.31
CA CYS B 108 -20.94 5.07 15.25
C CYS B 108 -21.73 4.23 16.25
N ASP B 109 -21.51 2.91 16.21
CA ASP B 109 -22.22 1.99 17.09
C ASP B 109 -23.72 2.00 16.77
N TYR B 110 -24.04 2.38 15.54
CA TYR B 110 -25.43 2.38 15.07
C TYR B 110 -26.30 3.34 15.85
N ASP B 111 -25.69 4.38 16.41
CA ASP B 111 -26.43 5.40 17.14
C ASP B 111 -26.92 6.47 16.18
N VAL B 112 -28.23 6.50 15.95
CA VAL B 112 -28.83 7.40 14.96
C VAL B 112 -28.40 8.86 15.15
N GLN B 113 -28.56 9.37 16.36
CA GLN B 113 -28.26 10.77 16.63
C GLN B 113 -26.79 11.11 16.42
N LYS B 114 -25.90 10.30 17.01
CA LYS B 114 -24.46 10.53 16.86
C LYS B 114 -24.03 10.38 15.41
N ALA B 115 -24.78 9.59 14.65
CA ALA B 115 -24.48 9.39 13.24
C ALA B 115 -24.95 10.57 12.41
N GLN B 116 -25.87 11.34 12.97
CA GLN B 116 -26.38 12.55 12.31
C GLN B 116 -25.45 13.72 12.55
N ARG B 117 -24.67 13.63 13.62
CA ARG B 117 -23.69 14.66 13.96
C ARG B 117 -22.42 14.43 13.14
N GLY B 118 -22.38 13.30 12.44
CA GLY B 118 -21.18 12.88 11.74
C GLY B 118 -20.71 13.79 10.62
N ILE B 119 -19.53 13.49 10.09
CA ILE B 119 -18.98 14.19 8.94
C ILE B 119 -18.73 13.19 7.82
N VAL B 120 -18.96 13.61 6.58
CA VAL B 120 -18.73 12.75 5.44
C VAL B 120 -17.87 13.44 4.39
N TYR B 121 -16.72 12.85 4.10
CA TYR B 121 -15.82 13.41 3.10
C TYR B 121 -15.94 12.66 1.78
N ILE B 122 -16.18 13.40 0.70
CA ILE B 122 -16.26 12.82 -0.62
C ILE B 122 -15.06 13.27 -1.45
N ASP B 123 -14.23 12.32 -1.87
CA ASP B 123 -13.00 12.62 -2.58
C ASP B 123 -13.20 12.59 -4.10
N GLU B 124 -12.37 13.36 -4.81
CA GLU B 124 -12.39 13.37 -6.27
C GLU B 124 -13.75 13.80 -6.83
N ILE B 125 -14.32 14.85 -6.26
CA ILE B 125 -15.58 15.40 -6.75
C ILE B 125 -15.40 16.00 -8.14
N ASP B 126 -14.26 16.63 -8.36
CA ASP B 126 -13.94 17.24 -9.65
C ASP B 126 -13.96 16.21 -10.78
N LYS B 127 -13.93 14.93 -10.41
CA LYS B 127 -13.85 13.85 -11.39
C LYS B 127 -15.22 13.51 -11.99
N ILE B 128 -16.29 13.81 -11.25
CA ILE B 128 -17.63 13.47 -11.71
C ILE B 128 -18.29 14.62 -12.47
N SER B 129 -17.49 15.64 -12.80
CA SER B 129 -18.00 16.79 -13.53
C SER B 129 -18.13 16.50 -15.02
N ARG B 130 -19.37 16.48 -15.50
CA ARG B 130 -19.62 16.21 -16.92
C ARG B 130 -19.28 17.42 -17.78
N LYS B 131 -18.09 17.42 -18.35
CA LYS B 131 -17.64 18.52 -19.21
C LYS B 131 -16.84 18.00 -20.40
N VAL B 141 -23.06 11.40 -18.56
CA VAL B 141 -24.40 11.03 -18.11
C VAL B 141 -24.38 10.49 -16.69
N SER B 142 -23.78 9.31 -16.52
CA SER B 142 -23.70 8.67 -15.21
C SER B 142 -23.08 9.61 -14.18
N GLY B 143 -22.06 10.36 -14.58
CA GLY B 143 -21.41 11.30 -13.70
C GLY B 143 -22.39 12.31 -13.14
N GLU B 144 -23.10 13.00 -14.02
CA GLU B 144 -24.11 13.97 -13.62
C GLU B 144 -25.16 13.29 -12.75
N GLY B 145 -25.48 12.04 -13.09
CA GLY B 145 -26.44 11.27 -12.33
C GLY B 145 -25.98 11.07 -10.90
N VAL B 146 -24.68 10.89 -10.72
CA VAL B 146 -24.11 10.73 -9.39
C VAL B 146 -24.19 12.03 -8.60
N GLN B 147 -23.94 13.15 -9.28
CA GLN B 147 -24.02 14.46 -8.66
C GLN B 147 -25.41 14.65 -8.08
N GLN B 148 -26.40 14.20 -8.83
CA GLN B 148 -27.79 14.39 -8.46
C GLN B 148 -28.24 13.39 -7.42
N ALA B 149 -27.75 12.16 -7.54
CA ALA B 149 -28.05 11.11 -6.57
C ALA B 149 -27.44 11.48 -5.22
N LEU B 150 -26.18 11.88 -5.24
CA LEU B 150 -25.48 12.31 -4.03
C LEU B 150 -26.11 13.59 -3.50
N LEU B 151 -26.64 14.38 -4.42
CA LEU B 151 -27.31 15.64 -4.07
C LEU B 151 -28.51 15.38 -3.17
N LYS B 152 -29.23 14.30 -3.44
CA LYS B 152 -30.37 13.91 -2.64
C LYS B 152 -29.97 13.70 -1.19
N LEU B 153 -28.76 13.19 -0.97
CA LEU B 153 -28.23 13.03 0.37
C LEU B 153 -27.96 14.38 1.01
N ILE B 154 -27.17 15.21 0.31
CA ILE B 154 -26.82 16.53 0.80
C ILE B 154 -28.03 17.25 1.40
N GLU B 155 -29.14 17.19 0.69
CA GLU B 155 -30.39 17.77 1.18
C GLU B 155 -30.86 17.04 2.44
N GLY B 156 -31.10 15.74 2.30
CA GLY B 156 -31.50 14.92 3.44
C GLY B 156 -32.86 14.27 3.27
N THR B 157 -32.93 12.97 3.53
CA THR B 157 -34.19 12.23 3.43
C THR B 157 -34.38 11.29 4.62
N LEU B 175 -32.00 1.86 7.18
CA LEU B 175 -31.76 2.91 8.17
C LEU B 175 -32.85 3.97 8.12
N GLN B 176 -33.01 4.70 9.22
CA GLN B 176 -34.04 5.72 9.32
C GLN B 176 -33.44 7.13 9.48
N VAL B 177 -32.11 7.18 9.57
CA VAL B 177 -31.41 8.43 9.80
C VAL B 177 -31.62 9.43 8.65
N ASP B 178 -31.62 10.71 8.98
CA ASP B 178 -31.71 11.76 7.96
C ASP B 178 -30.33 12.34 7.68
N THR B 179 -30.04 12.55 6.40
CA THR B 179 -28.72 13.03 5.99
C THR B 179 -28.63 14.54 5.98
N SER B 180 -29.69 15.21 6.40
CA SER B 180 -29.70 16.66 6.48
C SER B 180 -28.73 17.14 7.55
N LYS B 181 -28.68 16.41 8.65
CA LYS B 181 -27.90 16.81 9.82
C LYS B 181 -26.40 16.69 9.62
N ILE B 182 -25.98 15.66 8.88
CA ILE B 182 -24.55 15.39 8.71
C ILE B 182 -23.86 16.39 7.79
N LEU B 183 -22.64 16.77 8.17
CA LEU B 183 -21.84 17.71 7.38
C LEU B 183 -21.15 17.02 6.22
N PHE B 184 -21.18 17.66 5.06
CA PHE B 184 -20.54 17.10 3.87
C PHE B 184 -19.35 17.93 3.40
N ILE B 185 -18.19 17.30 3.33
CA ILE B 185 -16.98 17.94 2.79
C ILE B 185 -16.58 17.25 1.49
N CYS B 186 -16.61 18.00 0.39
CA CYS B 186 -16.31 17.44 -0.92
C CYS B 186 -14.97 17.93 -1.44
N GLY B 187 -13.96 17.06 -1.36
CA GLY B 187 -12.63 17.39 -1.84
C GLY B 187 -12.49 17.24 -3.34
N GLY B 188 -11.34 17.64 -3.87
CA GLY B 188 -11.09 17.56 -5.30
C GLY B 188 -9.98 18.49 -5.74
N ALA B 189 -9.24 18.07 -6.76
CA ALA B 189 -8.12 18.86 -7.27
C ALA B 189 -8.60 19.94 -8.22
N PHE B 190 -9.62 19.63 -9.02
CA PHE B 190 -10.15 20.55 -10.02
C PHE B 190 -9.02 21.11 -10.89
N ALA B 191 -8.49 20.27 -11.76
CA ALA B 191 -7.38 20.66 -12.63
C ALA B 191 -7.74 21.83 -13.54
N GLY B 192 -8.71 21.61 -14.42
CA GLY B 192 -9.11 22.62 -15.38
C GLY B 192 -9.68 23.89 -14.76
N LEU B 193 -10.03 23.81 -13.48
CA LEU B 193 -10.61 24.95 -12.77
C LEU B 193 -9.69 26.17 -12.80
N ASP B 194 -8.40 25.93 -12.60
CA ASP B 194 -7.41 27.01 -12.60
C ASP B 194 -7.49 27.80 -13.90
N LYS B 195 -7.95 27.15 -14.96
CA LYS B 195 -8.03 27.79 -16.28
C LYS B 195 -9.28 28.64 -16.44
N VAL B 196 -10.45 28.05 -16.17
CA VAL B 196 -11.71 28.76 -16.33
C VAL B 196 -11.76 30.05 -15.52
N ILE B 197 -11.25 29.99 -14.30
CA ILE B 197 -11.19 31.17 -13.44
C ILE B 197 -10.35 32.25 -14.09
N SER B 198 -9.26 31.85 -14.72
CA SER B 198 -8.36 32.77 -15.39
C SER B 198 -9.04 33.42 -16.60
N HIS B 199 -9.87 32.64 -17.29
CA HIS B 199 -10.57 33.13 -18.48
C HIS B 199 -11.72 34.07 -18.10
N ARG B 200 -11.93 34.25 -16.80
CA ARG B 200 -12.98 35.11 -16.30
C ARG B 200 -12.42 36.33 -15.58
N VAL B 201 -11.57 36.09 -14.59
CA VAL B 201 -10.99 37.16 -13.79
C VAL B 201 -10.27 38.20 -14.65
N GLU B 202 -9.66 37.75 -15.73
CA GLU B 202 -8.94 38.65 -16.64
C GLU B 202 -9.89 39.69 -17.23
N GLU B 222 -1.36 30.21 -8.73
CA GLU B 222 -2.57 29.40 -8.69
C GLU B 222 -3.44 29.75 -7.49
N GLY B 223 -2.79 29.99 -6.35
CA GLY B 223 -3.48 30.34 -5.13
C GLY B 223 -4.30 31.60 -5.28
N GLU B 224 -3.68 32.65 -5.81
CA GLU B 224 -4.35 33.92 -6.03
C GLU B 224 -5.55 33.74 -6.96
N LEU B 225 -5.45 32.77 -7.86
CA LEU B 225 -6.52 32.49 -8.82
C LEU B 225 -7.65 31.69 -8.20
N LEU B 226 -7.30 30.75 -7.34
CA LEU B 226 -8.30 29.92 -6.66
C LEU B 226 -9.06 30.72 -5.61
N ALA B 227 -8.49 31.85 -5.20
CA ALA B 227 -9.14 32.73 -4.24
C ALA B 227 -10.29 33.48 -4.91
N GLN B 228 -10.16 33.68 -6.22
CA GLN B 228 -11.18 34.38 -7.01
C GLN B 228 -12.26 33.41 -7.48
N VAL B 229 -12.23 32.18 -6.96
CA VAL B 229 -13.17 31.15 -7.38
C VAL B 229 -14.62 31.61 -7.20
N GLU B 230 -15.46 31.25 -8.17
CA GLU B 230 -16.88 31.59 -8.10
C GLU B 230 -17.73 30.40 -8.52
N PRO B 231 -18.95 30.31 -7.97
CA PRO B 231 -19.86 29.19 -8.27
C PRO B 231 -20.05 28.98 -9.79
N GLU B 232 -19.98 30.07 -10.55
CA GLU B 232 -20.13 29.97 -12.00
C GLU B 232 -18.93 29.28 -12.63
N ASP B 233 -17.76 29.46 -12.04
CA ASP B 233 -16.55 28.79 -12.51
C ASP B 233 -16.70 27.29 -12.37
N LEU B 234 -17.29 26.86 -11.26
CA LEU B 234 -17.55 25.45 -11.02
C LEU B 234 -18.61 24.92 -11.98
N ILE B 235 -19.56 25.78 -12.33
CA ILE B 235 -20.59 25.43 -13.31
C ILE B 235 -19.96 25.06 -14.64
N LYS B 236 -19.19 26.00 -15.18
CA LYS B 236 -18.51 25.79 -16.46
C LYS B 236 -17.55 24.62 -16.37
N PHE B 237 -17.05 24.35 -15.17
CA PHE B 237 -16.12 23.24 -14.95
C PHE B 237 -16.79 21.90 -15.21
N GLY B 238 -18.03 21.76 -14.78
CA GLY B 238 -18.77 20.54 -15.00
C GLY B 238 -19.73 20.17 -13.88
N LEU B 239 -19.90 21.07 -12.92
CA LEU B 239 -20.82 20.83 -11.82
C LEU B 239 -22.18 21.49 -12.08
N ILE B 240 -23.24 20.81 -11.68
CA ILE B 240 -24.60 21.32 -11.87
C ILE B 240 -24.95 22.35 -10.80
N PRO B 241 -25.72 23.38 -11.17
CA PRO B 241 -26.10 24.47 -10.26
C PRO B 241 -26.69 23.99 -8.94
N GLU B 242 -27.64 23.07 -9.02
CA GLU B 242 -28.33 22.58 -7.83
C GLU B 242 -27.37 21.86 -6.87
N PHE B 243 -26.24 21.41 -7.39
CA PHE B 243 -25.23 20.73 -6.58
C PHE B 243 -24.30 21.73 -5.90
N ILE B 244 -23.89 22.75 -6.65
CA ILE B 244 -23.00 23.77 -6.11
C ILE B 244 -23.70 24.61 -5.05
N GLY B 245 -25.00 24.82 -5.23
CA GLY B 245 -25.79 25.60 -4.29
C GLY B 245 -25.89 24.90 -2.94
N ARG B 246 -25.46 23.65 -2.89
CA ARG B 246 -25.49 22.88 -1.65
C ARG B 246 -24.14 22.95 -0.94
N LEU B 247 -23.13 23.44 -1.66
CA LEU B 247 -21.80 23.64 -1.09
C LEU B 247 -21.46 25.12 -1.01
N PRO B 248 -22.02 25.82 -0.01
CA PRO B 248 -21.82 27.25 0.17
C PRO B 248 -20.39 27.58 0.55
N VAL B 249 -19.81 26.77 1.44
CA VAL B 249 -18.48 27.03 1.96
C VAL B 249 -17.39 26.44 1.07
N VAL B 250 -16.60 27.31 0.45
CA VAL B 250 -15.52 26.85 -0.42
C VAL B 250 -14.15 27.23 0.12
N ALA B 251 -13.44 26.25 0.67
CA ALA B 251 -12.09 26.45 1.18
C ALA B 251 -11.05 25.94 0.19
N THR B 252 -10.07 26.78 -0.12
CA THR B 252 -9.05 26.43 -1.10
C THR B 252 -7.67 26.28 -0.47
N LEU B 253 -6.95 25.23 -0.84
CA LEU B 253 -5.61 25.00 -0.33
C LEU B 253 -4.54 25.30 -1.38
N ASN B 254 -3.37 25.71 -0.93
CA ASN B 254 -2.26 26.00 -1.82
C ASN B 254 -1.38 24.77 -2.01
N GLU B 255 -0.62 24.73 -3.11
CA GLU B 255 0.36 23.68 -3.31
C GLU B 255 1.45 23.78 -2.25
N LEU B 256 1.69 22.69 -1.54
CA LEU B 256 2.60 22.68 -0.39
C LEU B 256 4.01 23.14 -0.75
N SER B 257 4.61 23.99 0.08
CA SER B 257 5.94 24.49 -0.23
C SER B 257 7.03 23.49 0.14
N GLU B 258 8.22 23.72 -0.39
CA GLU B 258 9.32 22.76 -0.27
C GLU B 258 9.92 22.80 1.12
N GLU B 259 10.19 24.01 1.61
CA GLU B 259 10.54 24.16 3.01
C GLU B 259 9.41 23.59 3.86
N ALA B 260 8.17 23.81 3.42
CA ALA B 260 7.02 23.24 4.14
C ALA B 260 7.21 21.74 4.22
N LEU B 261 7.80 21.15 3.19
CA LEU B 261 8.11 19.72 3.21
C LEU B 261 8.85 19.38 4.49
N ILE B 262 9.94 20.10 4.76
CA ILE B 262 10.69 19.90 5.98
C ILE B 262 9.79 20.03 7.20
N GLN B 263 8.93 21.03 7.20
CA GLN B 263 7.98 21.22 8.29
C GLN B 263 7.03 20.02 8.38
N ILE B 264 6.73 19.42 7.24
CA ILE B 264 5.86 18.25 7.19
C ILE B 264 6.54 17.06 7.84
N LEU B 265 7.87 17.00 7.72
CA LEU B 265 8.64 15.91 8.30
C LEU B 265 8.86 16.12 9.80
N LYS B 266 8.61 17.33 10.28
CA LYS B 266 8.90 17.69 11.66
C LYS B 266 7.67 18.08 12.47
N GLU B 267 7.04 19.19 12.06
CA GLU B 267 5.99 19.83 12.85
C GLU B 267 4.81 18.93 13.25
N PRO B 268 4.14 18.31 12.27
CA PRO B 268 2.93 17.55 12.57
C PRO B 268 3.15 16.57 13.73
N LYS B 269 2.11 16.29 14.50
CA LYS B 269 2.23 15.39 15.63
C LYS B 269 2.33 13.95 15.14
N ASN B 270 2.18 13.76 13.84
CA ASN B 270 2.35 12.44 13.23
C ASN B 270 3.41 12.48 12.14
N ALA B 271 4.28 13.48 12.22
CA ALA B 271 5.37 13.62 11.25
C ALA B 271 6.21 12.35 11.20
N LEU B 272 6.81 12.09 10.03
CA LEU B 272 7.64 10.91 9.85
C LEU B 272 8.70 10.78 10.93
N THR B 273 9.49 11.84 11.11
CA THR B 273 10.57 11.83 12.08
C THR B 273 10.11 11.37 13.46
N LYS B 274 8.93 11.84 13.88
CA LYS B 274 8.40 11.48 15.19
C LYS B 274 8.02 10.01 15.27
N GLN B 275 7.46 9.47 14.19
CA GLN B 275 7.06 8.08 14.13
C GLN B 275 8.28 7.16 14.27
N TYR B 276 9.30 7.42 13.45
CA TYR B 276 10.52 6.63 13.47
C TYR B 276 11.31 6.79 14.77
N GLN B 277 11.45 8.04 15.23
CA GLN B 277 12.07 8.29 16.52
C GLN B 277 11.38 7.46 17.60
N ALA B 278 10.10 7.18 17.39
CA ALA B 278 9.32 6.37 18.31
C ALA B 278 9.57 4.89 18.08
N LEU B 279 9.65 4.50 16.81
CA LEU B 279 9.96 3.11 16.45
C LEU B 279 11.34 2.74 17.00
N PHE B 280 12.29 3.64 16.82
CA PHE B 280 13.62 3.46 17.37
C PHE B 280 13.60 3.60 18.89
N ASN B 281 12.64 4.38 19.38
CA ASN B 281 12.55 4.66 20.82
C ASN B 281 12.24 3.41 21.64
N LEU B 282 11.31 2.59 21.15
CA LEU B 282 10.97 1.35 21.82
C LEU B 282 12.07 0.30 21.61
N GLU B 283 13.12 0.71 20.92
CA GLU B 283 14.31 -0.13 20.75
C GLU B 283 15.35 0.29 21.77
N GLY B 284 15.09 1.41 22.45
CA GLY B 284 16.02 1.95 23.43
C GLY B 284 17.01 2.89 22.77
N VAL B 285 16.80 3.15 21.49
CA VAL B 285 17.71 3.99 20.72
C VAL B 285 17.08 5.34 20.37
N ASP B 286 17.88 6.39 20.44
CA ASP B 286 17.43 7.72 20.08
C ASP B 286 17.81 8.05 18.64
N LEU B 287 16.81 8.36 17.82
CA LEU B 287 17.05 8.72 16.44
C LEU B 287 17.13 10.23 16.29
N GLU B 288 18.19 10.72 15.66
CA GLU B 288 18.37 12.14 15.46
C GLU B 288 18.45 12.51 13.99
N PHE B 289 17.47 13.29 13.52
CA PHE B 289 17.48 13.78 12.15
C PHE B 289 18.11 15.16 12.10
N ARG B 290 19.29 15.26 11.50
CA ARG B 290 19.92 16.55 11.28
C ARG B 290 19.17 17.30 10.17
N ASP B 291 19.01 18.60 10.36
CA ASP B 291 18.25 19.42 9.41
C ASP B 291 18.73 19.24 7.97
N GLU B 292 20.02 18.98 7.80
CA GLU B 292 20.57 18.74 6.48
C GLU B 292 19.90 17.52 5.85
N ALA B 293 19.75 16.47 6.64
CA ALA B 293 19.09 15.26 6.18
C ALA B 293 17.64 15.52 5.79
N LEU B 294 16.96 16.35 6.57
CA LEU B 294 15.57 16.68 6.31
C LEU B 294 15.43 17.51 5.03
N ASP B 295 16.35 18.45 4.82
CA ASP B 295 16.37 19.22 3.59
C ASP B 295 16.69 18.32 2.40
N ALA B 296 17.61 17.39 2.62
CA ALA B 296 17.98 16.42 1.59
C ALA B 296 16.75 15.62 1.18
N ILE B 297 15.99 15.15 2.17
CA ILE B 297 14.76 14.41 1.91
C ILE B 297 13.78 15.26 1.12
N ALA B 298 13.68 16.54 1.48
CA ALA B 298 12.80 17.47 0.78
C ALA B 298 13.17 17.55 -0.69
N LYS B 299 14.44 17.76 -0.97
CA LYS B 299 14.93 17.86 -2.34
C LYS B 299 14.65 16.57 -3.12
N LYS B 300 15.02 15.44 -2.51
CA LYS B 300 14.78 14.13 -3.11
C LYS B 300 13.32 13.99 -3.53
N ALA B 301 12.42 14.45 -2.68
CA ALA B 301 10.99 14.36 -2.95
C ALA B 301 10.56 15.28 -4.09
N MET B 302 11.20 16.44 -4.20
CA MET B 302 10.87 17.40 -5.24
C MET B 302 11.35 16.94 -6.61
N ALA B 303 12.53 16.36 -6.64
CA ALA B 303 13.11 15.87 -7.90
C ALA B 303 12.24 14.79 -8.51
N ARG B 304 11.47 14.11 -7.67
CA ARG B 304 10.60 13.03 -8.11
C ARG B 304 9.16 13.51 -8.31
N LYS B 305 8.89 14.76 -7.94
CA LYS B 305 7.58 15.37 -8.13
C LYS B 305 6.48 14.63 -7.38
N THR B 306 6.87 13.73 -6.48
CA THR B 306 5.91 12.94 -5.72
C THR B 306 5.31 13.72 -4.56
N GLY B 307 5.71 14.98 -4.42
CA GLY B 307 5.21 15.82 -3.35
C GLY B 307 5.47 15.25 -1.98
N ALA B 308 4.48 15.33 -1.10
CA ALA B 308 4.60 14.81 0.26
C ALA B 308 4.29 13.32 0.31
N ARG B 309 3.69 12.82 -0.77
CA ARG B 309 3.34 11.40 -0.86
C ARG B 309 4.58 10.54 -1.01
N GLY B 310 5.65 11.14 -1.53
CA GLY B 310 6.89 10.42 -1.74
C GLY B 310 7.93 10.69 -0.67
N LEU B 311 7.48 11.04 0.53
CA LEU B 311 8.39 11.27 1.64
C LEU B 311 8.70 9.97 2.39
N ARG B 312 7.66 9.23 2.73
CA ARG B 312 7.84 7.95 3.41
C ARG B 312 8.68 6.98 2.59
N SER B 313 8.47 7.00 1.28
CA SER B 313 9.21 6.12 0.38
C SER B 313 10.69 6.45 0.40
N ILE B 314 11.03 7.65 0.85
CA ILE B 314 12.42 8.06 0.96
C ILE B 314 13.00 7.67 2.32
N VAL B 315 12.27 8.02 3.38
CA VAL B 315 12.72 7.75 4.74
C VAL B 315 12.88 6.25 5.00
N GLU B 316 11.91 5.46 4.55
CA GLU B 316 11.99 4.02 4.70
C GLU B 316 13.23 3.46 4.04
N ALA B 317 13.48 3.90 2.80
CA ALA B 317 14.64 3.45 2.05
C ALA B 317 15.94 3.86 2.73
N ALA B 318 15.91 5.01 3.41
CA ALA B 318 17.09 5.53 4.07
C ALA B 318 17.39 4.80 5.37
N LEU B 319 16.35 4.38 6.06
CA LEU B 319 16.51 3.70 7.35
C LEU B 319 16.35 2.20 7.26
N LEU B 320 16.33 1.68 6.03
CA LEU B 320 16.15 0.25 5.80
C LEU B 320 17.24 -0.57 6.47
N ASP B 321 18.46 -0.45 5.94
CA ASP B 321 19.60 -1.19 6.46
C ASP B 321 19.71 -1.05 7.98
N THR B 322 19.57 0.18 8.47
CA THR B 322 19.72 0.47 9.88
C THR B 322 18.67 -0.23 10.73
N MET B 323 17.43 -0.26 10.24
CA MET B 323 16.34 -0.92 10.95
C MET B 323 16.45 -2.44 10.83
N TYR B 324 17.25 -2.89 9.87
CA TYR B 324 17.47 -4.32 9.66
C TYR B 324 18.34 -4.91 10.76
N ASP B 325 19.51 -4.32 10.96
CA ASP B 325 20.45 -4.82 11.95
C ASP B 325 20.46 -3.97 13.22
N LEU B 326 19.36 -3.30 13.49
CA LEU B 326 19.23 -2.51 14.73
C LEU B 326 19.00 -3.39 15.96
N PRO B 327 18.01 -4.30 15.88
CA PRO B 327 17.71 -5.16 17.03
C PRO B 327 18.86 -6.11 17.36
N SER B 328 19.86 -6.14 16.49
CA SER B 328 21.02 -7.01 16.70
C SER B 328 22.20 -6.22 17.24
N MET B 329 21.94 -5.00 17.69
CA MET B 329 22.99 -4.13 18.20
C MET B 329 22.71 -3.64 19.61
N GLU B 330 23.74 -3.08 20.23
CA GLU B 330 23.60 -2.42 21.53
C GLU B 330 24.35 -1.10 21.48
N ASP B 331 23.61 -0.02 21.27
CA ASP B 331 24.20 1.32 21.24
C ASP B 331 23.21 2.37 21.74
N VAL B 332 23.69 3.60 21.91
CA VAL B 332 22.88 4.66 22.50
C VAL B 332 21.94 5.32 21.50
N GLU B 333 22.47 5.79 20.39
CA GLU B 333 21.65 6.50 19.40
C GLU B 333 22.22 6.45 17.99
N LYS B 334 21.34 6.58 17.01
CA LYS B 334 21.74 6.68 15.61
C LYS B 334 21.42 8.08 15.09
N VAL B 335 22.34 8.65 14.33
CA VAL B 335 22.18 10.01 13.83
C VAL B 335 22.21 10.04 12.30
N VAL B 336 21.09 10.44 11.70
CA VAL B 336 21.00 10.48 10.24
C VAL B 336 21.46 11.82 9.68
N ILE B 337 22.54 11.79 8.91
CA ILE B 337 23.09 12.97 8.28
C ILE B 337 22.60 13.07 6.83
N ASP B 338 22.89 14.17 6.17
CA ASP B 338 22.50 14.36 4.78
C ASP B 338 23.17 13.32 3.90
N GLU B 339 24.41 12.97 4.24
CA GLU B 339 25.17 11.98 3.48
C GLU B 339 24.42 10.65 3.40
N SER B 340 23.61 10.36 4.43
CA SER B 340 22.86 9.12 4.49
C SER B 340 21.69 9.14 3.52
N VAL B 341 21.14 10.33 3.28
CA VAL B 341 19.96 10.47 2.43
C VAL B 341 20.31 10.65 0.96
N ILE B 342 20.89 11.80 0.62
CA ILE B 342 21.24 12.10 -0.76
C ILE B 342 22.13 11.04 -1.39
N ASP B 343 23.33 10.88 -0.86
CA ASP B 343 24.27 9.90 -1.38
C ASP B 343 23.72 8.48 -1.21
N GLY B 344 23.10 8.23 -0.06
CA GLY B 344 22.55 6.92 0.24
C GLY B 344 23.65 5.88 0.39
N GLN B 345 24.88 6.30 0.12
CA GLN B 345 26.04 5.41 0.22
C GLN B 345 26.56 5.36 1.64
N SER B 346 26.56 6.51 2.32
CA SER B 346 27.05 6.59 3.68
C SER B 346 26.02 6.03 4.66
N GLU B 347 26.49 5.20 5.59
CA GLU B 347 25.65 4.68 6.64
C GLU B 347 25.47 5.73 7.73
N PRO B 348 24.33 5.68 8.45
CA PRO B 348 24.05 6.69 9.47
C PRO B 348 25.04 6.60 10.63
N LEU B 349 25.36 7.74 11.23
CA LEU B 349 26.26 7.78 12.38
C LEU B 349 25.71 6.92 13.53
N LEU B 350 26.57 6.10 14.11
CA LEU B 350 26.18 5.26 15.23
C LEU B 350 26.95 5.67 16.48
N ILE B 351 26.25 5.76 17.61
CA ILE B 351 26.86 6.19 18.86
C ILE B 351 26.59 5.19 19.97
N TYR B 352 27.65 4.75 20.63
CA TYR B 352 27.55 3.73 21.68
C TYR B 352 27.69 4.34 23.07
#